data_1YPK
#
_entry.id   1YPK
#
_cell.length_a   70.885
_cell.length_b   71.744
_cell.length_c   72.274
_cell.angle_alpha   90.00
_cell.angle_beta   100.93
_cell.angle_gamma   90.00
#
_symmetry.space_group_name_H-M   'C 1 2 1'
#
loop_
_entity.id
_entity.type
_entity.pdbx_description
1 polymer 'Prothrombin light chain'
2 polymer 'Prothrombin heavy chain'
3 polymer '10-mer peptide from Acety-Hirudin(54-65) sulfated'
4 non-polymer [N-[N-(4-METHOXY-2,3,6-TRIMETHYLPHENYLSULFONYL)-L-ASPARTYL]-D-(4-AMIDINO-PHENYLALANYL)]-PIPERIDINE
5 water water
#
loop_
_entity_poly.entity_id
_entity_poly.type
_entity_poly.pdbx_seq_one_letter_code
_entity_poly.pdbx_strand_id
1 'polypeptide(L)' ADCGLRPLFEKKSLEDKTERELLESYI L
2 'polypeptide(L)'
;IVEGSDAEIGMSPWQVMLFRKSPQELLCGASLISDRWVLTAAHCLLYPPWDKNFTENDLLVRIGKHSRTRYERNIEKISM
LEKIYIHPRYNWRENLDRDIALMKLKKPVAFSDYIHPVCLPDRETAASLLQAGYKGRVTGWGNLKETWTANVGKGQPSVL
QVVNLPIVERPVCKDSTRIRITDNMFCAGYKPDEGKRGDACEGDSGGPFVMKSPFNNRWYQMGIVSWGEGCDRDGKYGFY
THVFRLKKWIQKVIDQF
;
H
3 'polypeptide(L)' DFEEIPEE(TYS)L I
#
# COMPACT_ATOMS: atom_id res chain seq x y z
N ALA A 1 -7.01 -10.57 14.36
CA ALA A 1 -8.27 -10.94 15.03
C ALA A 1 -9.27 -11.42 13.98
N ASP A 2 -10.00 -10.52 13.33
CA ASP A 2 -10.60 -10.78 12.04
C ASP A 2 -9.81 -10.05 10.95
N CYS A 3 -8.56 -9.70 11.29
CA CYS A 3 -7.78 -8.97 10.28
C CYS A 3 -7.72 -9.79 9.00
N GLY A 4 -7.67 -9.13 7.87
CA GLY A 4 -7.27 -9.80 6.65
C GLY A 4 -8.36 -10.67 6.07
N LEU A 5 -9.56 -10.65 6.65
CA LEU A 5 -10.68 -11.43 6.11
C LEU A 5 -11.73 -10.43 5.60
N ARG A 6 -11.91 -10.37 4.31
CA ARG A 6 -12.76 -9.38 3.65
C ARG A 6 -14.23 -9.74 3.78
N PRO A 7 -15.01 -8.79 4.28
CA PRO A 7 -16.47 -8.98 4.33
C PRO A 7 -17.05 -9.47 3.02
N LEU A 8 -16.59 -8.99 1.85
CA LEU A 8 -17.30 -9.36 0.63
C LEU A 8 -16.67 -10.54 -0.07
N PHE A 9 -15.61 -11.11 0.51
CA PHE A 9 -14.95 -12.29 -0.07
C PHE A 9 -14.77 -13.35 1.00
N GLU A 10 -13.70 -13.37 1.79
CA GLU A 10 -13.44 -14.50 2.67
C GLU A 10 -14.60 -14.73 3.65
N LYS A 11 -15.18 -13.66 4.20
CA LYS A 11 -16.23 -13.86 5.19
C LYS A 11 -17.45 -14.59 4.64
N LYS A 12 -17.76 -14.45 3.37
CA LYS A 12 -18.92 -15.08 2.75
C LYS A 12 -18.53 -16.09 1.69
N SER A 13 -17.28 -16.52 1.78
CA SER A 13 -16.72 -17.57 0.94
C SER A 13 -16.82 -17.29 -0.56
N LEU A 14 -16.61 -16.06 -0.98
CA LEU A 14 -16.46 -15.69 -2.37
C LEU A 14 -14.98 -15.36 -2.66
N GLU A 15 -14.54 -15.73 -3.85
CA GLU A 15 -13.19 -15.43 -4.33
C GLU A 15 -13.24 -14.26 -5.32
N ASP A 16 -12.21 -13.40 -5.25
CA ASP A 16 -12.06 -12.37 -6.28
C ASP A 16 -11.46 -12.97 -7.54
N LYS A 17 -11.41 -12.15 -8.58
CA LYS A 17 -11.14 -12.63 -9.93
C LYS A 17 -9.70 -13.07 -10.14
N THR A 18 -8.75 -12.62 -9.32
CA THR A 18 -7.36 -13.01 -9.57
C THR A 18 -6.69 -13.60 -8.33
N GLU A 19 -7.36 -13.81 -7.20
CA GLU A 19 -6.57 -14.32 -6.08
C GLU A 19 -6.03 -15.72 -6.35
N ARG A 20 -6.60 -16.47 -7.29
CA ARG A 20 -6.06 -17.80 -7.55
C ARG A 20 -4.67 -17.75 -8.18
N GLU A 21 -4.40 -16.70 -8.93
CA GLU A 21 -3.06 -16.50 -9.52
C GLU A 21 -2.01 -16.43 -8.42
N LEU A 22 -2.37 -15.79 -7.29
CA LEU A 22 -1.43 -15.75 -6.18
C LEU A 22 -1.23 -17.15 -5.61
N LEU A 23 -2.36 -17.80 -5.31
CA LEU A 23 -2.30 -19.17 -4.81
C LEU A 23 -1.41 -20.05 -5.66
N GLU A 24 -1.61 -19.89 -6.97
CA GLU A 24 -0.87 -20.80 -7.87
C GLU A 24 0.61 -20.49 -7.81
N SER A 25 1.00 -19.28 -7.40
CA SER A 25 2.44 -18.97 -7.34
C SER A 25 3.07 -19.47 -6.04
N TYR A 26 2.22 -19.82 -5.08
CA TYR A 26 2.75 -20.26 -3.79
C TYR A 26 3.04 -21.74 -3.83
N ILE A 27 4.16 -22.11 -4.43
CA ILE A 27 4.32 -23.51 -4.85
C ILE A 27 4.62 -24.45 -3.69
N ILE B 1 -1.16 2.74 -10.91
CA ILE B 1 -0.89 1.36 -11.26
C ILE B 1 -0.83 1.22 -12.79
N VAL B 2 0.28 0.76 -13.33
CA VAL B 2 0.43 0.54 -14.76
C VAL B 2 0.18 -0.91 -15.13
N GLU B 3 -0.64 -1.14 -16.15
CA GLU B 3 -0.96 -2.45 -16.69
C GLU B 3 -1.66 -3.32 -15.67
N GLY B 4 -2.46 -2.68 -14.79
CA GLY B 4 -3.32 -3.50 -13.95
C GLY B 4 -4.76 -3.46 -14.44
N SER B 5 -5.72 -3.71 -13.57
CA SER B 5 -7.13 -3.72 -13.93
C SER B 5 -7.94 -3.10 -12.81
N ASP B 6 -9.18 -2.74 -13.13
CA ASP B 6 -10.11 -2.25 -12.13
C ASP B 6 -10.27 -3.24 -10.98
N ALA B 7 -10.29 -2.70 -9.76
CA ALA B 7 -10.55 -3.56 -8.60
C ALA B 7 -12.05 -3.89 -8.52
N GLU B 8 -12.34 -5.05 -7.94
CA GLU B 8 -13.72 -5.36 -7.56
C GLU B 8 -14.11 -4.57 -6.33
N ILE B 9 -15.42 -4.37 -6.15
CA ILE B 9 -15.90 -3.72 -4.95
C ILE B 9 -15.54 -4.52 -3.70
N GLY B 10 -15.01 -3.85 -2.69
CA GLY B 10 -14.64 -4.55 -1.47
C GLY B 10 -13.42 -5.44 -1.56
N MET B 11 -12.65 -5.35 -2.64
CA MET B 11 -11.51 -6.20 -2.89
C MET B 11 -10.32 -5.88 -1.99
N SER B 12 -10.23 -4.61 -1.62
CA SER B 12 -9.09 -4.14 -0.82
C SER B 12 -9.59 -3.22 0.27
N PRO B 13 -10.35 -3.75 1.22
CA PRO B 13 -11.07 -2.92 2.16
C PRO B 13 -10.16 -2.24 3.19
N TRP B 14 -8.87 -2.55 3.19
CA TRP B 14 -7.85 -1.88 3.99
C TRP B 14 -7.22 -0.72 3.22
N GLN B 15 -7.57 -0.58 1.94
CA GLN B 15 -7.01 0.56 1.19
C GLN B 15 -7.45 1.90 1.76
N VAL B 16 -6.47 2.76 1.90
CA VAL B 16 -6.67 4.14 2.35
C VAL B 16 -6.10 5.10 1.31
N MET B 17 -6.81 6.21 1.10
CA MET B 17 -6.31 7.33 0.33
C MET B 17 -5.84 8.44 1.26
N LEU B 18 -4.61 8.88 1.10
CA LEU B 18 -4.08 10.07 1.79
C LEU B 18 -4.38 11.23 0.85
N PHE B 19 -5.16 12.16 1.37
CA PHE B 19 -5.75 13.25 0.60
C PHE B 19 -5.29 14.58 1.18
N ARG B 20 -4.74 15.41 0.29
CA ARG B 20 -4.36 16.75 0.73
C ARG B 20 -5.57 17.70 0.72
N LYS B 21 -5.66 18.50 1.75
CA LYS B 21 -6.80 19.37 2.06
C LYS B 21 -6.89 20.55 1.09
N SER B 22 -5.79 21.26 0.94
CA SER B 22 -5.72 22.37 -0.02
C SER B 22 -4.32 22.43 -0.62
N PRO B 23 -4.16 22.30 -1.93
CA PRO B 23 -5.19 21.95 -2.88
C PRO B 23 -5.63 20.49 -2.70
N GLN B 24 -6.92 20.27 -2.90
CA GLN B 24 -7.51 18.94 -2.69
C GLN B 24 -6.91 18.00 -3.72
N GLU B 25 -6.03 17.10 -3.30
CA GLU B 25 -5.54 16.10 -4.24
C GLU B 25 -5.06 14.81 -3.57
N LEU B 26 -4.83 13.80 -4.41
CA LEU B 26 -4.34 12.54 -3.88
C LEU B 26 -2.84 12.62 -3.59
N LEU B 27 -2.49 12.41 -2.34
CA LEU B 27 -1.09 12.40 -1.90
C LEU B 27 -0.45 11.06 -2.22
N CYS B 28 -1.14 10.05 -1.68
CA CYS B 28 -0.56 8.74 -1.58
C CYS B 28 -1.61 7.70 -1.22
N GLY B 29 -1.20 6.46 -1.32
CA GLY B 29 -1.87 5.29 -0.76
C GLY B 29 -1.42 5.11 0.69
N ALA B 30 -2.13 4.23 1.38
CA ALA B 30 -1.98 3.88 2.76
C ALA B 30 -2.90 2.69 3.05
N SER B 31 -2.77 2.14 4.25
CA SER B 31 -3.52 0.96 4.67
C SER B 31 -4.00 1.03 6.11
N LEU B 32 -5.17 0.44 6.30
CA LEU B 32 -5.82 0.31 7.58
C LEU B 32 -5.31 -0.92 8.32
N ILE B 33 -4.65 -0.75 9.46
CA ILE B 33 -4.18 -1.89 10.24
C ILE B 33 -4.94 -2.08 11.55
N SER B 34 -5.79 -1.13 11.92
CA SER B 34 -6.70 -1.25 13.06
C SER B 34 -7.71 -0.11 12.97
N ASP B 35 -8.61 0.03 13.94
CA ASP B 35 -9.67 1.03 13.77
C ASP B 35 -9.20 2.45 14.00
N ARG B 36 -7.97 2.63 14.43
CA ARG B 36 -7.38 3.94 14.70
C ARG B 36 -5.98 4.07 14.10
N TRP B 37 -5.46 3.10 13.36
CA TRP B 37 -4.08 3.24 12.85
C TRP B 37 -3.98 2.94 11.37
N VAL B 38 -3.25 3.81 10.66
CA VAL B 38 -3.02 3.71 9.24
C VAL B 38 -1.52 3.68 8.97
N LEU B 39 -1.07 2.82 8.09
CA LEU B 39 0.31 2.62 7.70
C LEU B 39 0.53 3.19 6.31
N THR B 40 1.66 3.87 6.13
CA THR B 40 2.04 4.46 4.86
C THR B 40 3.56 4.57 4.75
N ALA B 41 4.03 5.14 3.66
CA ALA B 41 5.45 5.38 3.47
C ALA B 41 5.85 6.71 4.10
N ALA B 42 7.00 6.72 4.74
CA ALA B 42 7.50 7.97 5.30
C ALA B 42 7.57 9.04 4.24
N HIS B 43 7.99 8.69 3.02
CA HIS B 43 8.23 9.71 2.00
C HIS B 43 6.95 10.42 1.57
N CYS B 44 5.82 9.83 1.93
CA CYS B 44 4.53 10.43 1.59
C CYS B 44 4.32 11.70 2.42
N LEU B 45 4.99 11.70 3.56
CA LEU B 45 4.82 12.77 4.52
C LEU B 45 6.05 13.67 4.63
N LEU B 46 7.24 13.11 4.43
CA LEU B 46 8.47 13.85 4.65
C LEU B 46 9.49 13.59 3.55
N TYR B 47 9.83 14.62 2.79
CA TYR B 47 10.87 14.52 1.78
C TYR B 47 11.47 15.90 1.57
N PRO B 48 12.34 16.30 2.49
CA PRO B 48 12.91 17.64 2.47
C PRO B 48 13.55 18.06 1.17
N PRO B 49 14.21 17.23 0.38
CA PRO B 49 14.79 17.74 -0.86
C PRO B 49 13.76 18.42 -1.78
N TRP B 50 12.50 18.05 -1.64
CA TRP B 50 11.40 18.60 -2.40
C TRP B 50 10.48 19.49 -1.54
N ASP B 51 10.99 19.90 -0.40
CA ASP B 51 10.33 20.66 0.63
C ASP B 51 8.95 20.10 0.96
N LYS B 52 8.92 18.78 1.10
CA LYS B 52 7.73 18.11 1.63
C LYS B 52 7.92 17.77 3.09
N ASN B 53 6.95 18.22 3.90
CA ASN B 53 6.92 18.06 5.33
C ASN B 53 5.52 18.29 5.87
N PHE B 54 4.59 17.38 5.58
CA PHE B 54 3.20 17.61 5.95
C PHE B 54 2.96 17.55 7.42
N THR B 55 2.03 18.34 7.97
CA THR B 55 1.67 18.07 9.37
C THR B 55 0.27 17.46 9.38
N GLU B 56 -0.20 17.09 10.56
CA GLU B 56 -1.48 16.41 10.68
C GLU B 56 -2.59 17.19 10.00
N ASN B 57 -2.62 18.50 10.20
CA ASN B 57 -3.78 19.27 9.71
C ASN B 57 -3.77 19.50 8.22
N ASP B 58 -2.70 19.08 7.53
CA ASP B 58 -2.64 19.26 6.10
C ASP B 58 -3.41 18.20 5.32
N LEU B 59 -3.71 17.12 6.04
CA LEU B 59 -4.23 15.94 5.37
C LEU B 59 -5.50 15.34 5.99
N LEU B 60 -6.16 14.54 5.17
CA LEU B 60 -7.27 13.68 5.52
C LEU B 60 -6.97 12.26 5.06
N VAL B 61 -7.52 11.26 5.74
CA VAL B 61 -7.46 9.94 5.09
C VAL B 61 -8.91 9.56 4.73
N ARG B 62 -9.08 9.03 3.54
CA ARG B 62 -10.36 8.55 3.03
C ARG B 62 -10.32 7.03 2.94
N ILE B 63 -11.23 6.39 3.65
CA ILE B 63 -11.30 4.96 3.84
C ILE B 63 -12.57 4.40 3.23
N GLY B 64 -12.52 3.26 2.56
CA GLY B 64 -13.74 2.64 2.03
C GLY B 64 -14.00 2.99 0.59
N LYS B 65 -13.03 3.62 -0.06
CA LYS B 65 -13.19 4.15 -1.38
C LYS B 65 -12.94 3.17 -2.50
N HIS B 66 -13.56 3.47 -3.63
CA HIS B 66 -13.36 2.76 -4.88
C HIS B 66 -13.12 3.78 -5.99
N SER B 67 -14.13 4.64 -6.19
CA SER B 67 -13.90 5.71 -7.15
C SER B 67 -12.82 6.66 -6.64
N ARG B 68 -12.03 7.17 -7.58
CA ARG B 68 -10.89 8.00 -7.20
C ARG B 68 -11.32 9.40 -6.78
N THR B 69 -12.16 10.01 -7.62
CA THR B 69 -12.50 11.41 -7.40
C THR B 69 -13.87 11.57 -6.74
N ARG B 70 -14.75 10.58 -6.79
CA ARG B 70 -16.08 10.82 -6.21
C ARG B 70 -16.06 10.96 -4.71
N TYR B 71 -16.98 11.77 -4.16
CA TYR B 71 -17.31 11.63 -2.75
C TYR B 71 -18.29 10.47 -2.64
N GLU B 72 -17.92 9.40 -1.95
CA GLU B 72 -18.73 8.18 -1.96
C GLU B 72 -19.57 8.11 -0.70
N ARG B 73 -20.62 8.94 -0.77
CA ARG B 73 -21.62 9.10 0.24
C ARG B 73 -22.16 7.79 0.80
N ASN B 74 -22.17 7.60 2.10
CA ASN B 74 -22.72 6.41 2.72
C ASN B 74 -21.77 5.22 2.53
N ILE B 75 -20.57 5.46 2.04
CA ILE B 75 -19.66 4.33 1.81
C ILE B 75 -18.28 4.63 2.38
N GLU B 76 -17.61 5.61 1.77
CA GLU B 76 -16.33 6.06 2.30
C GLU B 76 -16.53 6.75 3.64
N LYS B 77 -15.48 6.69 4.43
CA LYS B 77 -15.40 7.42 5.69
C LYS B 77 -14.14 8.29 5.59
N ILE B 78 -14.23 9.52 6.03
CA ILE B 78 -13.11 10.48 6.01
C ILE B 78 -12.68 10.74 7.44
N SER B 79 -11.40 10.61 7.73
CA SER B 79 -10.84 10.70 9.05
C SER B 79 -9.74 11.75 9.16
N MET B 80 -9.74 12.38 10.35
CA MET B 80 -8.72 13.38 10.62
C MET B 80 -7.59 12.75 11.43
N LEU B 81 -6.42 13.36 11.29
CA LEU B 81 -5.22 12.83 11.87
C LEU B 81 -5.02 13.37 13.27
N GLU B 82 -4.71 12.51 14.22
CA GLU B 82 -4.31 12.95 15.56
C GLU B 82 -2.81 13.13 15.59
N LYS B 83 -2.08 12.13 15.11
CA LYS B 83 -0.63 12.23 15.15
C LYS B 83 0.02 11.34 14.09
N ILE B 84 1.08 11.89 13.51
CA ILE B 84 1.98 11.24 12.59
C ILE B 84 3.26 10.81 13.27
N TYR B 85 3.63 9.58 12.98
CA TYR B 85 4.88 9.01 13.47
C TYR B 85 5.74 8.51 12.31
N ILE B 86 6.88 9.15 12.07
CA ILE B 86 7.83 8.66 11.07
C ILE B 86 8.98 7.88 11.68
N HIS B 87 9.38 6.75 11.08
CA HIS B 87 10.56 6.01 11.54
C HIS B 87 11.74 6.98 11.74
N PRO B 88 12.30 7.00 12.94
CA PRO B 88 13.35 7.99 13.23
C PRO B 88 14.63 7.82 12.44
N ARG B 89 14.90 6.73 11.77
CA ARG B 89 16.06 6.32 10.99
C ARG B 89 15.67 6.18 9.52
N TYR B 90 14.50 6.72 9.16
CA TYR B 90 14.13 6.87 7.76
C TYR B 90 15.19 7.62 6.98
N ASN B 91 15.76 6.97 5.96
CA ASN B 91 16.89 7.61 5.26
C ASN B 91 16.50 8.29 3.96
N TRP B 92 15.96 9.50 4.08
CA TRP B 92 15.55 10.31 2.96
C TRP B 92 16.75 10.92 2.26
N ARG B 93 17.90 10.97 2.94
CA ARG B 93 19.04 11.60 2.24
C ARG B 93 19.58 10.72 1.14
N GLU B 94 19.55 9.40 1.32
CA GLU B 94 20.22 8.44 0.46
C GLU B 94 19.27 7.58 -0.37
N ASN B 95 18.63 6.59 0.26
CA ASN B 95 17.90 5.60 -0.53
C ASN B 95 16.51 5.27 -0.01
N LEU B 96 15.96 6.07 0.91
CA LEU B 96 14.62 5.82 1.45
C LEU B 96 14.61 4.53 2.27
N ASP B 97 15.76 4.17 2.84
CA ASP B 97 15.78 3.06 3.80
C ASP B 97 14.80 3.39 4.93
N ARG B 98 14.10 2.35 5.37
CA ARG B 98 13.13 2.43 6.44
C ARG B 98 12.01 3.40 6.07
N ASP B 99 11.46 3.20 4.88
CA ASP B 99 10.42 4.06 4.33
C ASP B 99 9.05 3.67 4.90
N ILE B 100 8.82 4.12 6.13
CA ILE B 100 7.63 3.71 6.85
C ILE B 100 7.16 4.76 7.84
N ALA B 101 5.85 4.94 7.96
CA ALA B 101 5.23 5.91 8.86
C ALA B 101 3.82 5.45 9.25
N LEU B 102 3.44 5.77 10.47
CA LEU B 102 2.14 5.48 11.05
C LEU B 102 1.37 6.76 11.29
N MET B 103 0.06 6.66 11.15
CA MET B 103 -0.84 7.79 11.40
C MET B 103 -1.96 7.33 12.33
N LYS B 104 -2.11 7.99 13.46
CA LYS B 104 -3.19 7.66 14.38
C LYS B 104 -4.37 8.60 14.15
N LEU B 105 -5.56 8.02 13.99
CA LEU B 105 -6.75 8.79 13.67
C LEU B 105 -7.34 9.41 14.95
N LYS B 106 -8.04 10.53 14.76
CA LYS B 106 -8.62 11.21 15.92
C LYS B 106 -9.72 10.38 16.56
N LYS B 107 -10.43 9.57 15.79
CA LYS B 107 -11.52 8.75 16.28
C LYS B 107 -11.50 7.39 15.55
N PRO B 108 -11.89 6.33 16.21
CA PRO B 108 -11.88 5.04 15.50
C PRO B 108 -12.85 5.05 14.32
N VAL B 109 -12.51 4.28 13.29
CA VAL B 109 -13.32 4.17 12.09
C VAL B 109 -14.15 2.89 12.27
N ALA B 110 -15.40 3.01 11.88
CA ALA B 110 -16.41 2.00 11.82
C ALA B 110 -16.10 1.03 10.69
N PHE B 111 -15.92 -0.25 11.02
CA PHE B 111 -15.71 -1.23 9.99
C PHE B 111 -17.06 -1.52 9.30
N SER B 112 -16.94 -2.00 8.09
CA SER B 112 -18.03 -2.16 7.14
C SER B 112 -17.61 -3.17 6.06
N ASP B 113 -18.50 -3.41 5.13
CA ASP B 113 -18.25 -4.29 4.00
C ASP B 113 -17.09 -3.74 3.17
N TYR B 114 -16.92 -2.42 3.22
CA TYR B 114 -15.93 -1.70 2.46
C TYR B 114 -14.69 -1.26 3.24
N ILE B 115 -14.71 -1.39 4.55
CA ILE B 115 -13.69 -0.91 5.46
C ILE B 115 -13.29 -1.97 6.46
N HIS B 116 -12.04 -2.42 6.35
CA HIS B 116 -11.63 -3.56 7.16
C HIS B 116 -10.12 -3.66 7.26
N PRO B 117 -9.53 -3.99 8.41
CA PRO B 117 -8.06 -3.99 8.49
C PRO B 117 -7.41 -5.21 7.85
N VAL B 118 -6.22 -4.96 7.31
CA VAL B 118 -5.31 -6.01 6.86
C VAL B 118 -4.46 -6.50 8.02
N CYS B 119 -3.87 -7.70 7.93
CA CYS B 119 -2.99 -8.25 8.93
C CYS B 119 -1.54 -7.84 8.66
N LEU B 120 -0.77 -7.71 9.75
CA LEU B 120 0.68 -7.56 9.61
C LEU B 120 1.32 -8.91 9.87
N PRO B 121 2.38 -9.21 9.12
CA PRO B 121 3.03 -10.51 9.24
C PRO B 121 3.85 -10.66 10.51
N ASP B 122 3.91 -11.91 10.95
CA ASP B 122 4.93 -12.29 11.94
C ASP B 122 6.08 -13.00 11.22
N ARG B 123 7.09 -13.41 11.97
CA ARG B 123 8.30 -13.90 11.33
C ARG B 123 8.07 -15.07 10.37
N GLU B 124 7.19 -15.97 10.81
CA GLU B 124 6.94 -17.19 10.05
C GLU B 124 6.16 -16.91 8.78
N THR B 125 5.21 -15.97 8.87
CA THR B 125 4.46 -15.73 7.61
C THR B 125 5.42 -15.04 6.65
N ALA B 126 6.30 -14.17 7.14
CA ALA B 126 7.24 -13.59 6.17
C ALA B 126 8.24 -14.62 5.64
N ALA B 127 8.73 -15.51 6.48
CA ALA B 127 9.68 -16.48 5.90
C ALA B 127 9.00 -17.36 4.87
N SER B 128 7.74 -17.69 5.15
CA SER B 128 6.94 -18.54 4.26
C SER B 128 6.49 -17.88 2.97
N LEU B 129 6.17 -16.58 2.97
CA LEU B 129 5.61 -15.96 1.78
C LEU B 129 6.57 -15.12 0.97
N LEU B 130 7.56 -14.53 1.64
CA LEU B 130 8.48 -13.64 0.95
C LEU B 130 9.59 -14.41 0.25
N GLN B 131 9.23 -15.10 -0.81
CA GLN B 131 10.06 -15.94 -1.63
C GLN B 131 10.02 -15.53 -3.09
N ALA B 132 11.17 -15.59 -3.77
CA ALA B 132 11.19 -15.27 -5.19
C ALA B 132 10.17 -16.11 -5.94
N GLY B 133 9.40 -15.47 -6.80
CA GLY B 133 8.37 -16.16 -7.54
C GLY B 133 6.97 -16.03 -6.98
N TYR B 134 6.83 -15.97 -5.65
CA TYR B 134 5.53 -15.85 -5.03
C TYR B 134 4.92 -14.48 -5.39
N LYS B 135 3.65 -14.40 -5.73
CA LYS B 135 3.05 -13.13 -6.14
C LYS B 135 2.36 -12.47 -4.96
N GLY B 136 2.48 -11.13 -4.95
CA GLY B 136 1.71 -10.27 -4.08
C GLY B 136 0.80 -9.38 -4.92
N ARG B 137 0.07 -8.49 -4.29
CA ARG B 137 -0.93 -7.66 -4.95
C ARG B 137 -0.76 -6.19 -4.57
N VAL B 138 -0.74 -5.32 -5.56
CA VAL B 138 -0.59 -3.90 -5.28
C VAL B 138 -1.83 -3.16 -5.79
N THR B 139 -2.26 -2.18 -5.03
CA THR B 139 -3.45 -1.41 -5.33
C THR B 139 -3.21 0.07 -5.15
N GLY B 140 -3.92 0.84 -5.97
CA GLY B 140 -3.74 2.29 -5.83
C GLY B 140 -4.53 3.10 -6.84
N TRP B 141 -4.59 4.41 -6.63
CA TRP B 141 -5.24 5.34 -7.55
C TRP B 141 -4.22 6.15 -8.35
N GLY B 142 -2.98 5.70 -8.37
CA GLY B 142 -1.86 6.35 -9.01
C GLY B 142 -1.96 6.34 -10.52
N ASN B 143 -1.00 6.96 -11.18
CA ASN B 143 -0.95 7.04 -12.64
C ASN B 143 -1.04 5.68 -13.32
N LEU B 144 -1.72 5.69 -14.47
CA LEU B 144 -1.84 4.55 -15.35
C LEU B 144 -0.64 4.35 -16.26
N LYS B 145 0.17 5.40 -16.39
CA LYS B 145 1.34 5.39 -17.25
C LYS B 145 2.45 6.25 -16.66
N GLU B 146 3.68 5.87 -16.99
CA GLU B 146 4.82 6.62 -16.49
C GLU B 146 4.76 8.08 -16.94
N THR B 147 4.49 8.26 -18.23
CA THR B 147 4.44 9.58 -18.87
C THR B 147 3.38 9.65 -19.95
N GLY B 155 -3.78 8.21 -18.28
CA GLY B 155 -3.77 9.27 -17.30
C GLY B 155 -4.01 8.78 -15.88
N GLN B 156 -5.17 9.13 -15.33
CA GLN B 156 -5.56 8.71 -14.00
C GLN B 156 -6.83 7.85 -14.07
N PRO B 157 -6.91 6.83 -13.22
CA PRO B 157 -8.03 5.88 -13.28
C PRO B 157 -9.31 6.46 -12.69
N SER B 158 -10.47 5.97 -13.11
CA SER B 158 -11.69 6.39 -12.44
C SER B 158 -11.87 5.60 -11.13
N VAL B 159 -11.40 4.37 -11.10
CA VAL B 159 -11.54 3.58 -9.88
C VAL B 159 -10.23 2.90 -9.47
N LEU B 160 -10.22 2.44 -8.23
CA LEU B 160 -9.06 1.73 -7.67
C LEU B 160 -8.53 0.69 -8.63
N GLN B 161 -7.22 0.66 -8.85
CA GLN B 161 -6.58 -0.29 -9.74
C GLN B 161 -5.82 -1.36 -8.96
N VAL B 162 -5.74 -2.53 -9.53
CA VAL B 162 -5.08 -3.68 -8.90
C VAL B 162 -4.12 -4.39 -9.85
N VAL B 163 -2.98 -4.87 -9.34
CA VAL B 163 -2.06 -5.69 -10.14
C VAL B 163 -1.35 -6.71 -9.24
N ASN B 164 -1.17 -7.93 -9.73
CA ASN B 164 -0.40 -8.96 -9.02
C ASN B 164 0.98 -9.11 -9.66
N LEU B 165 2.00 -9.13 -8.82
CA LEU B 165 3.38 -9.15 -9.24
C LEU B 165 4.20 -10.12 -8.38
N PRO B 166 5.10 -10.81 -9.05
CA PRO B 166 6.02 -11.73 -8.38
C PRO B 166 7.15 -10.98 -7.67
N ILE B 167 7.51 -11.45 -6.50
CA ILE B 167 8.68 -11.05 -5.75
C ILE B 167 9.90 -11.49 -6.56
N VAL B 168 10.92 -10.65 -6.61
CA VAL B 168 12.11 -10.93 -7.41
C VAL B 168 13.33 -11.25 -6.55
N GLU B 169 14.21 -12.08 -7.10
CA GLU B 169 15.45 -12.49 -6.48
C GLU B 169 16.30 -11.28 -6.12
N ARG B 170 16.84 -11.28 -4.90
CA ARG B 170 17.58 -10.11 -4.44
C ARG B 170 18.75 -9.77 -5.36
N PRO B 171 19.56 -10.68 -5.86
CA PRO B 171 20.65 -10.26 -6.76
C PRO B 171 20.12 -9.62 -8.02
N VAL B 172 18.99 -10.09 -8.52
CA VAL B 172 18.37 -9.46 -9.69
C VAL B 172 17.90 -8.05 -9.35
N CYS B 173 17.26 -7.87 -8.20
CA CYS B 173 16.90 -6.52 -7.80
C CYS B 173 18.12 -5.60 -7.76
N LYS B 174 19.16 -6.02 -7.07
CA LYS B 174 20.41 -5.29 -6.92
C LYS B 174 21.01 -4.91 -8.29
N ASP B 175 20.97 -5.80 -9.26
CA ASP B 175 21.57 -5.58 -10.56
C ASP B 175 20.70 -4.76 -11.52
N SER B 176 19.49 -4.42 -11.11
CA SER B 176 18.64 -3.60 -11.94
C SER B 176 18.83 -2.12 -11.67
N THR B 177 19.59 -1.75 -10.64
CA THR B 177 19.64 -0.34 -10.24
C THR B 177 20.99 0.07 -9.70
N ARG B 178 21.32 1.36 -9.74
CA ARG B 178 22.55 1.86 -9.12
C ARG B 178 22.29 2.20 -7.65
N ILE B 179 21.03 2.28 -7.27
CA ILE B 179 20.68 2.60 -5.88
C ILE B 179 21.10 1.50 -4.91
N ARG B 180 21.57 1.87 -3.72
CA ARG B 180 21.96 0.89 -2.71
C ARG B 180 20.72 0.27 -2.06
N ILE B 181 20.54 -1.02 -2.24
CA ILE B 181 19.40 -1.73 -1.65
C ILE B 181 19.69 -2.26 -0.25
N THR B 182 18.76 -2.16 0.70
CA THR B 182 18.96 -2.67 2.05
C THR B 182 18.02 -3.82 2.38
N ASP B 183 18.25 -4.45 3.52
CA ASP B 183 17.45 -5.57 3.98
C ASP B 183 16.02 -5.17 4.34
N ASN B 184 15.76 -3.89 4.53
CA ASN B 184 14.45 -3.31 4.73
C ASN B 184 13.68 -3.07 3.44
N MET B 185 14.13 -3.62 2.31
CA MET B 185 13.47 -3.45 1.03
C MET B 185 13.39 -4.82 0.35
N PHE B 186 12.39 -4.97 -0.50
CA PHE B 186 12.38 -6.02 -1.50
C PHE B 186 11.85 -5.45 -2.82
N CYS B 187 12.05 -6.16 -3.94
CA CYS B 187 11.50 -5.67 -5.20
C CYS B 187 10.60 -6.73 -5.81
N ALA B 188 9.65 -6.29 -6.62
CA ALA B 188 8.71 -7.20 -7.28
C ALA B 188 8.40 -6.72 -8.67
N GLY B 189 8.03 -7.60 -9.58
CA GLY B 189 7.71 -7.24 -10.96
C GLY B 189 8.14 -8.39 -11.85
N TYR B 190 7.64 -8.41 -13.06
CA TYR B 190 8.04 -9.38 -14.07
C TYR B 190 9.33 -8.98 -14.78
N LYS B 191 10.10 -9.97 -15.17
CA LYS B 191 11.27 -9.74 -16.01
C LYS B 191 10.83 -9.57 -17.46
N PRO B 192 11.67 -8.98 -18.30
CA PRO B 192 11.26 -8.72 -19.69
C PRO B 192 10.98 -10.02 -20.44
N ASP B 193 11.66 -11.08 -20.06
CA ASP B 193 11.47 -12.35 -20.77
C ASP B 193 10.20 -13.06 -20.30
N GLU B 194 9.53 -12.47 -19.31
CA GLU B 194 8.29 -13.03 -18.77
C GLU B 194 7.08 -12.51 -19.51
N GLY B 195 7.16 -11.37 -20.20
CA GLY B 195 6.08 -10.92 -21.05
C GLY B 195 4.93 -10.21 -20.38
N LYS B 196 4.51 -10.67 -19.20
CA LYS B 196 3.46 -9.96 -18.49
C LYS B 196 4.04 -8.67 -17.94
CA ARG B 197 3.73 -6.45 -17.07
C ARG B 197 2.94 -5.98 -15.85
N GLY B 198 3.37 -4.84 -15.34
CA GLY B 198 2.69 -4.16 -14.27
C GLY B 198 3.66 -3.54 -13.27
N ASP B 199 3.19 -2.46 -12.67
CA ASP B 199 3.99 -1.72 -11.70
C ASP B 199 3.11 -0.72 -10.98
N ALA B 200 3.59 -0.29 -9.82
CA ALA B 200 3.05 0.84 -9.11
C ALA B 200 3.56 2.09 -9.85
N CYS B 201 3.06 3.27 -9.56
CA CYS B 201 3.53 4.50 -10.22
C CYS B 201 3.20 5.70 -9.33
N GLU B 202 3.50 6.91 -9.78
CA GLU B 202 3.17 8.11 -9.01
C GLU B 202 1.70 8.07 -8.58
N GLY B 203 1.50 8.30 -7.30
CA GLY B 203 0.24 8.30 -6.63
C GLY B 203 -0.11 7.00 -5.91
N ASP B 204 0.61 5.92 -6.17
CA ASP B 204 0.47 4.62 -5.55
C ASP B 204 1.34 4.47 -4.29
N SER B 205 2.34 5.33 -4.15
CA SER B 205 3.30 5.48 -3.09
C SER B 205 2.55 5.33 -1.76
N GLY B 206 3.09 4.56 -0.81
CA GLY B 206 2.51 4.38 0.50
C GLY B 206 1.41 3.32 0.56
N GLY B 207 0.89 2.86 -0.57
CA GLY B 207 -0.13 1.81 -0.52
C GLY B 207 0.47 0.44 -0.25
N PRO B 208 -0.38 -0.57 -0.04
CA PRO B 208 0.09 -1.89 0.37
C PRO B 208 0.37 -2.85 -0.77
N PHE B 209 1.33 -3.71 -0.48
CA PHE B 209 1.63 -4.92 -1.23
C PHE B 209 1.20 -6.07 -0.32
N VAL B 210 0.14 -6.77 -0.70
CA VAL B 210 -0.38 -7.81 0.18
C VAL B 210 -0.24 -9.21 -0.44
N MET B 211 -0.26 -10.21 0.41
CA MET B 211 -0.26 -11.61 0.00
C MET B 211 -1.31 -12.39 0.78
N LYS B 212 -1.94 -13.37 0.14
CA LYS B 212 -2.98 -14.07 0.92
C LYS B 212 -2.38 -15.40 1.40
N SER B 213 -2.32 -15.56 2.71
CA SER B 213 -1.68 -16.78 3.22
C SER B 213 -2.50 -18.01 2.81
N PRO B 214 -1.85 -19.01 2.25
CA PRO B 214 -2.58 -20.24 1.90
C PRO B 214 -2.80 -21.15 3.10
N PHE B 215 -2.21 -20.79 4.22
CA PHE B 215 -2.32 -21.50 5.48
C PHE B 215 -3.54 -21.14 6.28
N ASN B 216 -3.87 -19.83 6.34
CA ASN B 216 -5.03 -19.43 7.11
C ASN B 216 -6.00 -18.51 6.35
N ASN B 217 -5.75 -18.33 5.05
CA ASN B 217 -6.59 -17.63 4.11
C ASN B 217 -6.79 -16.16 4.44
N ARG B 218 -5.87 -15.59 5.19
CA ARG B 218 -5.88 -14.19 5.51
C ARG B 218 -4.87 -13.39 4.64
N TRP B 219 -5.24 -12.13 4.40
CA TRP B 219 -4.34 -11.22 3.70
C TRP B 219 -3.38 -10.50 4.65
N TYR B 220 -2.11 -10.56 4.26
CA TYR B 220 -1.06 -9.92 5.05
C TYR B 220 -0.37 -8.82 4.26
N GLN B 221 -0.07 -7.70 4.94
CA GLN B 221 0.67 -6.68 4.20
C GLN B 221 2.17 -6.86 4.36
N MET B 222 2.81 -7.31 3.28
CA MET B 222 4.24 -7.65 3.32
C MET B 222 5.10 -6.46 2.95
N GLY B 223 4.53 -5.55 2.17
CA GLY B 223 5.22 -4.39 1.65
C GLY B 223 4.47 -3.09 1.62
N ILE B 224 5.24 -1.99 1.49
CA ILE B 224 4.66 -0.68 1.22
C ILE B 224 5.28 -0.14 -0.05
N VAL B 225 4.48 0.39 -0.97
CA VAL B 225 5.02 0.98 -2.20
C VAL B 225 5.99 2.11 -1.83
N SER B 226 7.28 1.90 -2.13
CA SER B 226 8.32 2.84 -1.74
C SER B 226 8.92 3.57 -2.93
N TRP B 227 9.57 2.87 -3.87
CA TRP B 227 10.19 3.66 -4.94
C TRP B 227 10.39 2.85 -6.20
N GLY B 228 10.77 3.55 -7.25
CA GLY B 228 11.12 2.87 -8.51
C GLY B 228 11.72 3.93 -9.42
N GLU B 229 12.24 3.50 -10.53
CA GLU B 229 12.92 4.38 -11.50
C GLU B 229 12.04 4.35 -12.73
N GLY B 230 11.23 5.39 -12.86
CA GLY B 230 10.14 5.31 -13.84
C GLY B 230 9.02 4.40 -13.35
N CYS B 231 8.19 3.90 -14.27
CA CYS B 231 7.12 2.97 -13.97
C CYS B 231 6.99 1.97 -15.11
N ASP B 232 6.97 0.69 -14.77
CA ASP B 232 6.75 -0.43 -15.67
C ASP B 232 7.77 -0.43 -16.82
N ARG B 233 8.97 0.02 -16.48
CA ARG B 233 10.05 -0.04 -17.47
C ARG B 233 10.63 -1.44 -17.56
N ASP B 234 10.95 -1.85 -18.79
CA ASP B 234 11.61 -3.14 -18.92
C ASP B 234 12.94 -3.17 -18.17
N GLY B 235 13.22 -4.24 -17.46
CA GLY B 235 14.47 -4.38 -16.72
C GLY B 235 14.51 -3.64 -15.40
N LYS B 236 13.44 -2.94 -15.04
CA LYS B 236 13.33 -2.24 -13.76
C LYS B 236 12.24 -2.93 -12.94
N TYR B 237 12.26 -2.71 -11.63
CA TYR B 237 11.36 -3.34 -10.69
C TYR B 237 10.92 -2.33 -9.65
N GLY B 238 9.70 -2.50 -9.15
CA GLY B 238 9.25 -1.65 -8.03
C GLY B 238 9.88 -2.13 -6.74
N PHE B 239 10.16 -1.14 -5.87
CA PHE B 239 10.72 -1.42 -4.57
C PHE B 239 9.70 -1.10 -3.49
N TYR B 240 9.75 -1.94 -2.47
CA TYR B 240 8.82 -2.03 -1.39
C TYR B 240 9.52 -2.10 -0.04
N THR B 241 8.93 -1.34 0.88
CA THR B 241 9.35 -1.39 2.25
C THR B 241 9.01 -2.77 2.82
N HIS B 242 9.98 -3.39 3.46
CA HIS B 242 9.80 -4.73 4.06
C HIS B 242 9.12 -4.63 5.41
N VAL B 243 7.80 -4.84 5.45
CA VAL B 243 7.04 -4.53 6.66
C VAL B 243 7.48 -5.33 7.87
N PHE B 244 7.66 -6.64 7.71
CA PHE B 244 8.04 -7.51 8.82
C PHE B 244 9.32 -7.01 9.48
N ARG B 245 10.29 -6.59 8.68
CA ARG B 245 11.59 -6.15 9.11
C ARG B 245 11.45 -4.92 10.01
N LEU B 246 10.36 -4.18 9.86
CA LEU B 246 10.22 -2.92 10.58
C LEU B 246 9.13 -3.02 11.63
N LYS B 247 8.74 -4.28 11.85
CA LYS B 247 7.59 -4.56 12.69
C LYS B 247 7.85 -4.17 14.15
N LYS B 248 9.10 -4.31 14.60
CA LYS B 248 9.41 -3.95 15.99
C LYS B 248 9.16 -2.47 16.27
N TRP B 249 9.47 -1.61 15.31
CA TRP B 249 9.13 -0.19 15.42
C TRP B 249 7.63 0.05 15.41
N ILE B 250 6.92 -0.66 14.53
CA ILE B 250 5.46 -0.52 14.50
C ILE B 250 4.86 -0.87 15.86
N GLN B 251 5.36 -1.98 16.40
CA GLN B 251 4.89 -2.49 17.68
C GLN B 251 5.14 -1.45 18.76
N LYS B 252 6.39 -0.98 18.76
CA LYS B 252 6.81 0.03 19.71
C LYS B 252 5.89 1.25 19.69
N VAL B 253 5.59 1.80 18.51
CA VAL B 253 4.75 2.99 18.46
C VAL B 253 3.36 2.70 18.99
N ILE B 254 2.76 1.62 18.49
CA ILE B 254 1.36 1.41 18.91
C ILE B 254 1.29 1.09 20.40
N ASP B 255 2.20 0.29 20.94
CA ASP B 255 2.16 -0.02 22.37
C ASP B 255 2.27 1.26 23.21
N GLN B 256 3.15 2.16 22.80
CA GLN B 256 3.46 3.43 23.45
C GLN B 256 2.36 4.46 23.31
N PHE B 257 1.76 4.54 22.13
CA PHE B 257 0.80 5.59 21.85
C PHE B 257 -0.62 5.09 21.61
N ASP C 1 -10.23 15.95 -11.43
CA ASP C 1 -10.59 16.94 -10.44
C ASP C 1 -11.49 16.31 -9.38
N PHE C 2 -11.29 16.66 -8.12
CA PHE C 2 -12.00 15.96 -7.06
C PHE C 2 -13.35 16.56 -6.72
N GLU C 3 -14.31 15.66 -6.51
CA GLU C 3 -15.57 16.09 -5.95
C GLU C 3 -15.38 16.68 -4.56
N GLU C 4 -16.02 17.82 -4.29
CA GLU C 4 -15.95 18.42 -2.97
C GLU C 4 -16.49 17.45 -1.92
N ILE C 5 -15.88 17.46 -0.75
CA ILE C 5 -16.28 16.64 0.39
C ILE C 5 -17.04 17.48 1.39
N PRO C 6 -17.89 16.89 2.21
CA PRO C 6 -18.71 17.66 3.14
C PRO C 6 -17.92 18.57 4.05
N GLU C 7 -18.52 19.73 4.32
CA GLU C 7 -17.86 20.80 5.04
C GLU C 7 -17.24 20.33 6.33
N GLU C 8 -17.97 19.46 7.02
CA GLU C 8 -17.60 18.98 8.35
C GLU C 8 -16.16 18.51 8.41
N LEU C 10 -13.84 19.34 6.37
CA LEU C 10 -13.08 20.50 5.92
C LEU C 10 -12.45 20.24 4.57
#